data_1AHS
#
_entry.id   1AHS
#
_cell.length_a   157.200
_cell.length_b   157.200
_cell.length_c   57.700
_cell.angle_alpha   90.00
_cell.angle_beta   90.00
_cell.angle_gamma   90.00
#
_symmetry.space_group_name_H-M   'I 4'
#
loop_
_entity.id
_entity.type
_entity.pdbx_description
1 polymer 'AFRICAN HORSE SICKNESS VIRUS (SEROTYPE 4) VP7'
2 water water
#
_entity_poly.entity_id   1
_entity_poly.type   'polypeptide(L)'
_entity_poly.pdbx_seq_one_letter_code
;TGPYAGAVEVQQSGRYYVPQGRTRGGYINSNIAEVCMDAGAAGQVNALLAPRRGDAVMIYFVWRPLRIFCDPQGASLESA
PGTFVTVDGVNVAAGDVVAWNTIAPVNVGNPGARRSILQFEVLWYT
;
_entity_poly.pdbx_strand_id   A,B,C
#
# COMPACT_ATOMS: atom_id res chain seq x y z
N THR A 1 -6.56 -9.42 12.65
CA THR A 1 -7.34 -8.30 12.14
C THR A 1 -6.58 -6.98 12.28
N GLY A 2 -7.25 -5.93 11.86
CA GLY A 2 -6.74 -4.56 11.88
C GLY A 2 -8.08 -3.79 11.96
N PRO A 3 -8.13 -2.58 12.53
CA PRO A 3 -9.40 -1.87 12.63
C PRO A 3 -10.27 -1.48 11.47
N TYR A 4 -9.69 -1.36 10.28
CA TYR A 4 -10.47 -0.93 9.13
C TYR A 4 -10.82 -2.08 8.18
N ALA A 5 -10.60 -3.31 8.64
CA ALA A 5 -10.99 -4.50 7.88
C ALA A 5 -12.48 -4.29 8.04
N GLY A 6 -13.27 -4.26 6.98
CA GLY A 6 -14.66 -4.00 7.30
C GLY A 6 -15.12 -2.70 6.70
N ALA A 7 -14.18 -1.86 6.27
CA ALA A 7 -14.56 -0.64 5.60
C ALA A 7 -15.08 -1.28 4.32
N VAL A 8 -16.06 -0.65 3.69
CA VAL A 8 -16.62 -1.24 2.47
C VAL A 8 -15.99 -0.78 1.16
N GLU A 9 -15.05 0.17 1.23
CA GLU A 9 -14.37 0.63 0.04
C GLU A 9 -13.09 1.26 0.51
N VAL A 10 -12.06 1.16 -0.34
CA VAL A 10 -10.72 1.66 -0.09
C VAL A 10 -10.40 2.51 -1.31
N GLN A 11 -9.25 3.16 -1.33
CA GLN A 11 -8.89 3.92 -2.51
C GLN A 11 -7.43 3.81 -2.78
N GLN A 12 -6.98 4.28 -3.93
CA GLN A 12 -5.56 4.20 -4.29
C GLN A 12 -4.77 5.14 -3.41
N SER A 13 -3.76 4.62 -2.74
CA SER A 13 -2.94 5.46 -1.90
C SER A 13 -2.27 6.57 -2.68
N GLY A 14 -2.23 7.75 -2.08
CA GLY A 14 -1.55 8.89 -2.66
C GLY A 14 -2.18 9.70 -3.75
N ARG A 15 -3.40 9.39 -4.12
CA ARG A 15 -4.12 10.10 -5.18
C ARG A 15 -5.05 11.12 -4.57
N TYR A 16 -4.79 12.39 -4.84
CA TYR A 16 -5.58 13.44 -4.25
C TYR A 16 -6.99 13.37 -4.66
N TYR A 17 -7.87 13.39 -3.69
CA TYR A 17 -9.28 13.32 -4.00
C TYR A 17 -10.16 14.02 -2.96
N VAL A 18 -10.51 15.27 -3.21
CA VAL A 18 -11.37 16.05 -2.30
C VAL A 18 -12.45 16.63 -3.20
N PRO A 19 -13.58 15.91 -3.35
CA PRO A 19 -14.72 16.32 -4.18
C PRO A 19 -15.56 17.47 -3.59
N GLN A 20 -15.77 17.38 -2.29
CA GLN A 20 -16.55 18.35 -1.59
C GLN A 20 -15.79 18.78 -0.35
N GLY A 21 -15.72 20.09 -0.15
CA GLY A 21 -15.10 20.60 1.05
C GLY A 21 -13.64 20.87 0.87
N ARG A 22 -12.93 20.95 2.00
CA ARG A 22 -11.50 21.20 1.98
C ARG A 22 -10.63 20.04 2.45
N THR A 23 -11.25 18.95 2.91
CA THR A 23 -10.57 17.75 3.36
C THR A 23 -11.48 16.57 3.08
N ARG A 24 -10.90 15.37 3.04
CA ARG A 24 -11.64 14.11 2.88
C ARG A 24 -10.70 12.95 3.26
N GLY A 25 -11.21 11.98 3.99
CA GLY A 25 -10.36 10.88 4.37
C GLY A 25 -10.97 9.61 3.83
N GLY A 26 -10.15 8.57 3.69
CA GLY A 26 -10.63 7.31 3.20
C GLY A 26 -9.65 6.24 3.65
N TYR A 27 -9.98 4.97 3.42
CA TYR A 27 -9.08 3.88 3.83
C TYR A 27 -8.24 3.34 2.71
N ILE A 28 -7.07 2.87 3.09
CA ILE A 28 -6.17 2.31 2.13
C ILE A 28 -6.17 0.80 2.25
N ASN A 29 -6.31 0.31 3.48
CA ASN A 29 -6.38 -1.12 3.78
C ASN A 29 -6.79 -1.20 5.25
N SER A 30 -6.65 -2.35 5.88
CA SER A 30 -7.02 -2.53 7.28
C SER A 30 -6.35 -1.68 8.35
N ASN A 31 -5.14 -1.19 8.12
CA ASN A 31 -4.46 -0.44 9.17
C ASN A 31 -4.10 0.93 8.75
N ILE A 32 -4.51 1.34 7.56
CA ILE A 32 -4.11 2.64 7.07
C ILE A 32 -5.24 3.44 6.45
N ALA A 33 -5.26 4.73 6.79
CA ALA A 33 -6.25 5.68 6.32
C ALA A 33 -5.45 6.89 5.88
N GLU A 34 -5.89 7.58 4.84
CA GLU A 34 -5.22 8.80 4.39
C GLU A 34 -6.21 9.92 4.39
N VAL A 35 -5.75 11.15 4.55
CA VAL A 35 -6.66 12.31 4.49
C VAL A 35 -6.07 13.41 3.63
N CYS A 36 -6.77 13.74 2.56
CA CYS A 36 -6.36 14.76 1.62
C CYS A 36 -6.76 16.13 2.08
N MET A 37 -5.91 17.12 1.83
CA MET A 37 -6.20 18.42 2.33
C MET A 37 -5.75 19.45 1.35
N ASP A 38 -6.59 20.46 1.17
CA ASP A 38 -6.33 21.57 0.29
C ASP A 38 -5.47 22.51 1.09
N ALA A 39 -5.04 23.58 0.45
CA ALA A 39 -4.19 24.60 1.07
C ALA A 39 -5.01 25.33 2.15
N GLY A 40 -4.41 25.57 3.31
CA GLY A 40 -5.12 26.25 4.36
C GLY A 40 -6.41 25.55 4.74
N ALA A 41 -6.31 24.29 5.18
CA ALA A 41 -7.47 23.49 5.55
C ALA A 41 -7.30 22.95 6.90
N ALA A 42 -8.39 22.57 7.54
CA ALA A 42 -8.30 22.00 8.88
C ALA A 42 -9.41 20.98 8.87
N GLY A 43 -9.35 19.98 9.74
CA GLY A 43 -10.43 19.02 9.74
C GLY A 43 -10.34 18.18 10.97
N GLN A 44 -11.46 17.62 11.41
CA GLN A 44 -11.44 16.76 12.57
C GLN A 44 -11.59 15.41 11.96
N VAL A 45 -10.88 14.44 12.51
CA VAL A 45 -10.78 13.13 11.87
C VAL A 45 -11.12 11.89 12.69
N ASN A 46 -11.77 12.13 13.81
CA ASN A 46 -12.22 11.09 14.74
C ASN A 46 -13.09 10.05 14.08
N ALA A 47 -14.06 10.48 13.30
CA ALA A 47 -14.92 9.51 12.65
C ALA A 47 -14.19 8.56 11.70
N LEU A 48 -13.08 9.00 11.12
CA LEU A 48 -12.28 8.19 10.17
C LEU A 48 -11.44 7.16 10.93
N LEU A 49 -10.77 7.60 11.97
CA LEU A 49 -9.95 6.70 12.75
C LEU A 49 -10.81 6.03 13.79
N ALA A 50 -11.97 6.59 14.10
CA ALA A 50 -12.82 5.93 15.07
C ALA A 50 -13.36 4.79 14.27
N PRO A 51 -12.90 3.59 14.59
CA PRO A 51 -13.36 2.38 13.88
C PRO A 51 -14.84 2.33 14.28
N ARG A 52 -15.32 1.16 14.71
CA ARG A 52 -16.69 1.11 15.17
C ARG A 52 -16.90 0.83 16.65
N ARG A 53 -17.60 1.77 17.27
CA ARG A 53 -17.93 1.80 18.69
C ARG A 53 -18.23 0.43 19.31
N GLY A 54 -17.45 0.07 20.32
CA GLY A 54 -17.65 -1.21 20.99
C GLY A 54 -16.54 -2.21 20.73
N ASP A 55 -16.07 -2.24 19.49
CA ASP A 55 -14.98 -3.14 19.10
C ASP A 55 -13.71 -2.48 19.60
N ALA A 56 -13.62 -1.17 19.32
CA ALA A 56 -12.47 -0.38 19.70
C ALA A 56 -12.31 -0.22 21.19
N VAL A 57 -11.04 -0.11 21.55
CA VAL A 57 -10.56 0.04 22.93
C VAL A 57 -9.60 1.28 23.09
N MET A 58 -8.37 1.16 22.56
CA MET A 58 -7.31 2.18 22.57
C MET A 58 -6.58 1.94 21.27
N ILE A 59 -6.18 2.99 20.57
CA ILE A 59 -5.49 2.84 19.30
C ILE A 59 -4.13 3.50 19.39
N TYR A 60 -3.12 2.85 18.82
CA TYR A 60 -1.76 3.39 18.76
C TYR A 60 -1.53 3.59 17.29
N PHE A 61 -1.16 4.78 16.84
CA PHE A 61 -0.97 4.98 15.41
C PHE A 61 0.13 5.97 15.24
N VAL A 62 0.59 6.16 14.00
CA VAL A 62 1.59 7.16 13.65
C VAL A 62 1.00 7.85 12.45
N TRP A 63 1.44 9.07 12.17
CA TRP A 63 0.96 9.80 11.00
C TRP A 63 2.21 10.39 10.35
N ARG A 64 2.19 10.59 9.04
CA ARG A 64 3.32 11.22 8.38
C ARG A 64 2.73 11.81 7.14
N PRO A 65 3.30 12.92 6.68
CA PRO A 65 2.83 13.58 5.47
C PRO A 65 3.42 12.80 4.29
N LEU A 66 2.85 12.91 3.10
CA LEU A 66 3.40 12.20 2.00
C LEU A 66 4.28 13.17 1.26
N ARG A 67 5.55 12.79 1.15
CA ARG A 67 6.55 13.56 0.45
C ARG A 67 6.18 13.78 -1.01
N ILE A 68 5.72 12.73 -1.69
CA ILE A 68 5.24 12.90 -3.05
C ILE A 68 3.94 12.07 -3.21
N PHE A 69 3.00 12.62 -3.96
CA PHE A 69 1.73 11.99 -4.20
C PHE A 69 1.28 12.58 -5.50
N CYS A 70 0.02 12.44 -5.86
CA CYS A 70 -0.38 13.04 -7.10
C CYS A 70 -1.71 13.74 -7.10
N ASP A 71 -1.89 14.60 -8.10
CA ASP A 71 -3.14 15.32 -8.29
C ASP A 71 -4.06 14.39 -9.09
N PRO A 72 -5.31 14.77 -9.25
CA PRO A 72 -6.22 13.91 -9.98
C PRO A 72 -5.90 13.62 -11.45
N GLN A 73 -4.96 14.34 -12.07
CA GLN A 73 -4.57 14.11 -13.48
C GLN A 73 -3.24 13.36 -13.61
N GLY A 74 -2.73 12.94 -12.47
CA GLY A 74 -1.53 12.15 -12.41
C GLY A 74 -0.19 12.82 -12.20
N ALA A 75 -0.16 14.15 -12.07
CA ALA A 75 1.10 14.85 -11.89
C ALA A 75 1.60 14.75 -10.46
N SER A 76 2.92 14.69 -10.28
CA SER A 76 3.54 14.58 -8.95
C SER A 76 3.34 15.89 -8.22
N LEU A 77 3.14 15.78 -6.92
CA LEU A 77 2.90 16.92 -6.04
C LEU A 77 3.64 16.59 -4.75
N GLU A 78 4.02 17.59 -3.97
CA GLU A 78 4.69 17.37 -2.68
C GLU A 78 3.87 17.98 -1.56
N SER A 79 3.82 17.34 -0.38
CA SER A 79 3.05 17.90 0.72
C SER A 79 3.68 19.19 1.24
N ALA A 80 2.82 20.15 1.61
CA ALA A 80 3.23 21.46 2.13
C ALA A 80 3.93 21.44 3.47
N PRO A 81 4.87 22.36 3.68
CA PRO A 81 5.52 22.34 4.98
C PRO A 81 4.52 22.88 6.01
N GLY A 82 4.65 22.40 7.24
CA GLY A 82 3.78 22.89 8.27
C GLY A 82 2.55 22.13 8.73
N THR A 83 2.33 20.95 8.17
CA THR A 83 1.18 20.14 8.54
C THR A 83 1.30 19.76 10.01
N PHE A 84 0.17 19.55 10.66
CA PHE A 84 0.20 19.16 12.06
C PHE A 84 -1.05 18.37 12.44
N VAL A 85 -0.99 17.63 13.54
CA VAL A 85 -2.08 16.83 14.04
C VAL A 85 -2.02 17.05 15.52
N THR A 86 -3.17 17.30 16.16
CA THR A 86 -3.18 17.46 17.61
C THR A 86 -4.12 16.40 18.02
N VAL A 87 -3.73 15.65 19.03
CA VAL A 87 -4.58 14.60 19.55
C VAL A 87 -4.91 15.06 20.97
N ASP A 88 -6.16 15.45 21.19
CA ASP A 88 -6.61 15.91 22.49
C ASP A 88 -5.84 17.17 22.80
N GLY A 89 -5.89 18.15 21.91
CA GLY A 89 -5.14 19.35 22.17
C GLY A 89 -3.62 19.22 22.29
N VAL A 90 -3.08 18.00 22.24
CA VAL A 90 -1.62 17.83 22.33
C VAL A 90 -1.06 17.72 20.92
N ASN A 91 0.04 18.39 20.63
CA ASN A 91 0.65 18.32 19.30
C ASN A 91 1.51 17.08 19.17
N VAL A 92 1.22 16.28 18.15
CA VAL A 92 1.94 15.05 17.88
C VAL A 92 2.76 15.18 16.60
N ALA A 93 4.05 14.95 16.78
CA ALA A 93 5.04 15.00 15.72
C ALA A 93 4.95 13.74 14.84
N ALA A 94 5.25 13.93 13.56
CA ALA A 94 5.24 12.83 12.61
C ALA A 94 6.21 11.77 13.03
N GLY A 95 5.73 10.54 13.07
CA GLY A 95 6.59 9.45 13.45
C GLY A 95 6.55 9.11 14.91
N ASP A 96 6.06 10.00 15.78
CA ASP A 96 6.00 9.64 17.20
C ASP A 96 4.79 8.75 17.36
N VAL A 97 4.87 7.74 18.23
CA VAL A 97 3.73 6.86 18.45
C VAL A 97 2.82 7.51 19.46
N VAL A 98 1.52 7.44 19.19
CA VAL A 98 0.52 8.01 20.06
C VAL A 98 -0.59 7.05 20.49
N ALA A 99 -0.82 7.01 21.80
CA ALA A 99 -1.89 6.21 22.40
C ALA A 99 -3.12 7.11 22.25
N TRP A 100 -4.18 6.59 21.66
CA TRP A 100 -5.35 7.39 21.47
C TRP A 100 -6.51 6.66 22.11
N ASN A 101 -7.19 7.30 23.04
CA ASN A 101 -8.29 6.67 23.73
C ASN A 101 -9.60 6.58 22.97
N THR A 102 -9.58 6.87 21.67
CA THR A 102 -10.79 6.74 20.88
C THR A 102 -11.87 7.80 21.06
N ILE A 103 -11.78 8.62 22.10
CA ILE A 103 -12.82 9.63 22.31
C ILE A 103 -12.33 11.08 22.09
N ALA A 104 -11.07 11.35 22.40
CA ALA A 104 -10.52 12.70 22.25
C ALA A 104 -10.49 13.24 20.83
N PRO A 105 -10.61 14.56 20.67
CA PRO A 105 -10.59 15.04 19.29
C PRO A 105 -9.20 15.01 18.60
N VAL A 106 -9.14 14.51 17.36
CA VAL A 106 -7.90 14.47 16.59
C VAL A 106 -8.10 15.50 15.51
N ASN A 107 -7.32 16.58 15.56
CA ASN A 107 -7.43 17.64 14.59
C ASN A 107 -6.30 17.52 13.61
N VAL A 108 -6.54 18.00 12.43
CA VAL A 108 -5.56 17.85 11.43
C VAL A 108 -5.51 19.21 10.72
N GLY A 109 -4.31 19.71 10.46
CA GLY A 109 -4.21 21.00 9.82
C GLY A 109 -3.12 21.12 8.77
N ASN A 110 -3.38 21.98 7.79
CA ASN A 110 -2.50 22.21 6.65
C ASN A 110 -2.56 23.70 6.41
N PRO A 111 -2.01 24.48 7.33
CA PRO A 111 -2.01 25.92 7.21
C PRO A 111 -1.26 26.43 6.00
N GLY A 112 -0.46 25.58 5.41
CA GLY A 112 0.33 25.97 4.25
C GLY A 112 -0.37 26.33 2.96
N ALA A 113 0.43 26.61 1.92
CA ALA A 113 -0.10 27.06 0.63
C ALA A 113 -0.36 26.07 -0.52
N ARG A 114 -0.20 24.78 -0.27
CA ARG A 114 -0.43 23.78 -1.30
C ARG A 114 -1.06 22.57 -0.67
N ARG A 115 -1.61 21.69 -1.48
CA ARG A 115 -2.26 20.48 -1.02
C ARG A 115 -1.32 19.53 -0.32
N SER A 116 -1.87 18.61 0.45
CA SER A 116 -1.07 17.64 1.20
C SER A 116 -1.89 16.40 1.47
N ILE A 117 -1.22 15.29 1.72
CA ILE A 117 -1.94 14.10 2.10
C ILE A 117 -1.21 13.64 3.34
N LEU A 118 -1.97 13.25 4.36
CA LEU A 118 -1.45 12.76 5.62
C LEU A 118 -1.80 11.24 5.69
N GLN A 119 -0.92 10.41 6.24
CA GLN A 119 -1.19 8.99 6.37
C GLN A 119 -1.21 8.63 7.84
N PHE A 120 -2.13 7.75 8.22
CA PHE A 120 -2.28 7.33 9.57
C PHE A 120 -2.18 5.88 9.52
N GLU A 121 -1.18 5.34 10.19
CA GLU A 121 -1.02 3.91 10.18
C GLU A 121 -1.24 3.48 11.59
N VAL A 122 -2.08 2.47 11.77
CA VAL A 122 -2.40 1.89 13.07
C VAL A 122 -1.48 0.69 13.32
N LEU A 123 -0.74 0.74 14.42
CA LEU A 123 0.21 -0.28 14.80
C LEU A 123 -0.37 -1.47 15.59
N TRP A 124 -1.03 -1.21 16.71
CA TRP A 124 -1.63 -2.30 17.53
C TRP A 124 -2.94 -1.73 18.13
N TYR A 125 -3.75 -2.61 18.73
CA TYR A 125 -4.99 -2.22 19.42
C TYR A 125 -5.74 -3.44 20.02
N THR A 126 -6.39 -3.22 21.18
CA THR A 126 -7.17 -4.22 22.00
C THR A 126 -7.12 -3.83 23.48
N THR B 1 4.11 -3.24 15.34
CA THR B 1 5.27 -2.47 14.85
C THR B 1 6.15 -3.15 13.73
N GLY B 2 6.69 -2.29 12.87
CA GLY B 2 7.56 -2.70 11.78
C GLY B 2 8.79 -1.82 11.98
N PRO B 3 9.89 -2.15 11.32
CA PRO B 3 11.07 -1.33 11.53
C PRO B 3 11.07 0.10 11.10
N TYR B 4 10.12 0.49 10.26
CA TYR B 4 10.13 1.84 9.71
C TYR B 4 9.04 2.72 10.25
N ALA B 5 8.51 2.36 11.41
CA ALA B 5 7.43 3.15 12.01
C ALA B 5 7.82 4.59 12.35
N GLY B 6 9.10 4.84 12.59
CA GLY B 6 9.50 6.18 12.95
C GLY B 6 9.91 7.11 11.86
N ALA B 7 9.71 6.69 10.61
CA ALA B 7 10.05 7.49 9.44
C ALA B 7 9.21 8.74 9.57
N VAL B 8 9.75 9.89 9.26
CA VAL B 8 8.93 11.09 9.37
C VAL B 8 8.15 11.50 8.11
N GLU B 9 8.31 10.75 7.02
CA GLU B 9 7.61 10.99 5.79
C GLU B 9 7.63 9.71 5.02
N VAL B 10 6.60 9.55 4.20
CA VAL B 10 6.44 8.39 3.35
C VAL B 10 6.10 8.94 1.95
N GLN B 11 5.98 8.08 0.97
CA GLN B 11 5.65 8.56 -0.34
C GLN B 11 4.70 7.59 -0.99
N GLN B 12 4.08 8.03 -2.08
CA GLN B 12 3.13 7.16 -2.73
C GLN B 12 3.91 6.07 -3.33
N SER B 13 3.39 4.88 -3.18
CA SER B 13 3.99 3.70 -3.74
C SER B 13 3.93 3.64 -5.25
N GLY B 14 5.06 3.28 -5.86
CA GLY B 14 5.13 3.12 -7.28
C GLY B 14 5.27 4.34 -8.11
N ARG B 15 5.50 5.50 -7.51
CA ARG B 15 5.68 6.71 -8.29
C ARG B 15 7.17 7.05 -8.39
N TYR B 16 7.72 7.02 -9.58
CA TYR B 16 9.14 7.29 -9.71
C TYR B 16 9.56 8.66 -9.22
N TYR B 17 10.55 8.70 -8.35
CA TYR B 17 11.06 9.94 -7.81
C TYR B 17 12.54 9.81 -7.42
N VAL B 18 13.38 10.39 -8.27
CA VAL B 18 14.84 10.43 -8.15
C VAL B 18 15.27 11.84 -8.66
N PRO B 19 15.14 12.87 -7.81
CA PRO B 19 15.48 14.26 -8.12
C PRO B 19 16.95 14.58 -8.46
N GLN B 20 17.88 13.91 -7.81
CA GLN B 20 19.28 14.13 -8.08
C GLN B 20 19.86 12.72 -8.08
N GLY B 21 20.85 12.47 -8.93
CA GLY B 21 21.51 11.18 -8.93
C GLY B 21 20.87 10.05 -9.68
N ARG B 22 21.28 8.83 -9.32
CA ARG B 22 20.76 7.67 -10.00
C ARG B 22 19.87 6.72 -9.21
N THR B 23 19.88 6.78 -7.89
CA THR B 23 18.99 5.94 -7.08
C THR B 23 18.39 6.79 -5.93
N ARG B 24 17.22 6.39 -5.42
CA ARG B 24 16.59 7.05 -4.29
C ARG B 24 15.64 6.09 -3.68
N GLY B 25 15.66 6.06 -2.37
CA GLY B 25 14.80 5.19 -1.60
C GLY B 25 13.95 6.03 -0.66
N GLY B 26 12.87 5.43 -0.21
CA GLY B 26 11.94 6.10 0.68
C GLY B 26 11.03 5.07 1.28
N TYR B 27 10.25 5.46 2.29
CA TYR B 27 9.40 4.48 2.92
C TYR B 27 8.01 4.60 2.44
N ILE B 28 7.31 3.48 2.40
CA ILE B 28 5.91 3.43 2.00
C ILE B 28 5.04 3.32 3.26
N ASN B 29 5.52 2.58 4.24
CA ASN B 29 4.81 2.38 5.49
C ASN B 29 5.77 1.68 6.46
N SER B 30 5.29 1.21 7.60
CA SER B 30 6.12 0.52 8.60
C SER B 30 6.96 -0.62 8.14
N ASN B 31 6.51 -1.35 7.13
CA ASN B 31 7.25 -2.51 6.68
C ASN B 31 7.77 -2.56 5.24
N ILE B 32 7.50 -1.50 4.49
CA ILE B 32 7.88 -1.47 3.11
C ILE B 32 8.67 -0.23 2.71
N ALA B 33 9.71 -0.45 1.93
CA ALA B 33 10.54 0.64 1.44
C ALA B 33 10.69 0.34 -0.05
N GLU B 34 10.98 1.33 -0.87
CA GLU B 34 11.15 1.10 -2.30
C GLU B 34 12.35 1.91 -2.78
N VAL B 35 13.12 1.39 -3.73
CA VAL B 35 14.23 2.19 -4.24
C VAL B 35 14.02 2.36 -5.76
N CYS B 36 13.94 3.61 -6.16
CA CYS B 36 13.71 3.97 -7.54
C CYS B 36 15.07 3.93 -8.19
N MET B 37 15.20 3.27 -9.33
CA MET B 37 16.51 3.17 -9.98
C MET B 37 16.54 3.50 -11.45
N ASP B 38 17.42 4.40 -11.83
CA ASP B 38 17.58 4.73 -13.23
C ASP B 38 18.16 3.52 -13.96
N ALA B 39 18.26 3.65 -15.28
CA ALA B 39 18.78 2.60 -16.14
C ALA B 39 20.28 2.38 -15.91
N GLY B 40 20.68 1.11 -15.84
CA GLY B 40 22.07 0.77 -15.64
C GLY B 40 22.66 1.20 -14.30
N ALA B 41 21.77 1.38 -13.31
CA ALA B 41 22.19 1.82 -11.98
C ALA B 41 22.43 0.74 -10.95
N ALA B 42 23.28 1.08 -9.99
CA ALA B 42 23.62 0.22 -8.88
C ALA B 42 23.87 1.10 -7.67
N GLY B 43 23.63 0.53 -6.49
CA GLY B 43 23.82 1.30 -5.26
C GLY B 43 23.70 0.34 -4.10
N GLN B 44 24.00 0.85 -2.90
CA GLN B 44 23.93 0.08 -1.65
C GLN B 44 22.76 0.67 -0.87
N VAL B 45 22.05 -0.17 -0.16
CA VAL B 45 20.82 0.28 0.44
C VAL B 45 20.72 0.02 1.95
N ASN B 46 21.87 -0.20 2.57
CA ASN B 46 21.93 -0.47 4.00
C ASN B 46 21.24 0.61 4.82
N ALA B 47 21.65 1.86 4.66
CA ALA B 47 21.09 2.98 5.40
C ALA B 47 19.58 3.06 5.36
N LEU B 48 19.01 2.52 4.29
CA LEU B 48 17.58 2.55 4.08
C LEU B 48 16.85 1.40 4.77
N LEU B 49 17.35 0.17 4.63
CA LEU B 49 16.70 -1.00 5.21
C LEU B 49 16.94 -1.23 6.67
N ALA B 50 18.02 -0.69 7.18
CA ALA B 50 18.36 -0.85 8.55
C ALA B 50 17.51 -0.07 9.48
N PRO B 51 16.95 -0.78 10.49
CA PRO B 51 16.09 -0.27 11.56
C PRO B 51 17.05 0.58 12.40
N ARG B 52 16.58 1.50 13.23
CA ARG B 52 17.62 2.25 13.93
C ARG B 52 18.56 1.41 14.81
N ARG B 53 19.85 1.78 14.78
CA ARG B 53 20.92 1.05 15.51
C ARG B 53 20.57 0.73 16.96
N GLY B 54 20.70 -0.54 17.33
CA GLY B 54 20.37 -0.93 18.68
C GLY B 54 18.99 -1.52 18.79
N ASP B 55 18.18 -1.26 17.77
CA ASP B 55 16.84 -1.77 17.71
C ASP B 55 16.75 -3.25 17.32
N ALA B 56 17.46 -3.65 16.28
CA ALA B 56 17.39 -5.03 15.86
C ALA B 56 18.74 -5.67 15.63
N VAL B 57 18.73 -6.99 15.75
CA VAL B 57 19.90 -7.77 15.52
C VAL B 57 19.71 -8.59 14.21
N MET B 58 18.46 -8.71 13.74
CA MET B 58 18.10 -9.47 12.53
C MET B 58 16.77 -9.03 11.93
N ILE B 59 16.73 -8.89 10.61
CA ILE B 59 15.53 -8.48 9.87
C ILE B 59 15.25 -9.53 8.80
N TYR B 60 14.01 -9.96 8.61
CA TYR B 60 13.70 -10.93 7.56
C TYR B 60 13.02 -10.14 6.44
N PHE B 61 13.44 -10.28 5.18
CA PHE B 61 12.78 -9.54 4.11
C PHE B 61 12.73 -10.22 2.74
N VAL B 62 11.85 -9.75 1.85
CA VAL B 62 11.78 -10.26 0.48
C VAL B 62 11.80 -9.05 -0.38
N TRP B 63 12.31 -9.17 -1.60
CA TRP B 63 12.29 -8.05 -2.52
C TRP B 63 11.65 -8.50 -3.84
N ARG B 64 11.16 -7.54 -4.60
CA ARG B 64 10.61 -7.82 -5.91
C ARG B 64 10.44 -6.55 -6.69
N PRO B 65 10.59 -6.65 -8.00
CA PRO B 65 10.46 -5.50 -8.89
C PRO B 65 9.00 -5.19 -9.09
N LEU B 66 8.67 -3.97 -9.52
CA LEU B 66 7.27 -3.67 -9.75
C LEU B 66 7.06 -3.87 -11.21
N ARG B 67 6.20 -4.80 -11.55
CA ARG B 67 5.89 -5.04 -12.93
C ARG B 67 5.37 -3.71 -13.60
N ILE B 68 4.44 -2.98 -12.96
CA ILE B 68 4.02 -1.69 -13.51
C ILE B 68 4.09 -0.60 -12.43
N PHE B 69 4.49 0.61 -12.81
CA PHE B 69 4.57 1.72 -11.90
C PHE B 69 4.39 2.97 -12.77
N CYS B 70 4.66 4.19 -12.30
CA CYS B 70 4.48 5.36 -13.18
C CYS B 70 5.62 6.36 -13.15
N ASP B 71 5.69 7.17 -14.19
CA ASP B 71 6.71 8.22 -14.25
C ASP B 71 6.15 9.43 -13.51
N PRO B 72 6.91 10.52 -13.43
CA PRO B 72 6.41 11.68 -12.72
C PRO B 72 5.18 12.34 -13.28
N GLN B 73 4.79 11.97 -14.50
CA GLN B 73 3.60 12.50 -15.16
C GLN B 73 2.33 11.67 -15.05
N GLY B 74 2.45 10.45 -14.50
CA GLY B 74 1.28 9.58 -14.29
C GLY B 74 1.11 8.43 -15.25
N ALA B 75 2.02 8.36 -16.20
CA ALA B 75 2.05 7.34 -17.25
C ALA B 75 2.64 6.01 -16.81
N SER B 76 2.04 4.89 -17.24
CA SER B 76 2.53 3.57 -16.86
C SER B 76 3.89 3.24 -17.42
N LEU B 77 4.69 2.58 -16.60
CA LEU B 77 6.04 2.21 -16.97
C LEU B 77 6.22 0.79 -16.40
N GLU B 78 7.10 -0.02 -17.00
CA GLU B 78 7.39 -1.38 -16.48
C GLU B 78 8.87 -1.42 -16.14
N SER B 79 9.17 -2.15 -15.06
CA SER B 79 10.53 -2.32 -14.57
C SER B 79 11.35 -3.13 -15.57
N ALA B 80 12.61 -2.74 -15.67
CA ALA B 80 13.56 -3.41 -16.52
C ALA B 80 13.87 -4.86 -16.07
N PRO B 81 14.17 -5.74 -17.02
CA PRO B 81 14.48 -7.10 -16.58
C PRO B 81 15.92 -7.16 -16.05
N GLY B 82 16.25 -8.25 -15.37
CA GLY B 82 17.61 -8.38 -14.87
C GLY B 82 18.00 -7.61 -13.62
N THR B 83 17.01 -7.11 -12.88
CA THR B 83 17.27 -6.41 -11.64
C THR B 83 17.78 -7.47 -10.64
N PHE B 84 18.76 -7.14 -9.80
CA PHE B 84 19.26 -8.12 -8.80
C PHE B 84 19.52 -7.45 -7.46
N VAL B 85 19.60 -8.28 -6.42
CA VAL B 85 19.88 -7.82 -5.07
C VAL B 85 20.91 -8.83 -4.50
N THR B 86 22.03 -8.34 -4.00
CA THR B 86 22.98 -9.26 -3.38
C THR B 86 23.08 -8.93 -1.89
N VAL B 87 23.07 -9.95 -1.04
CA VAL B 87 23.23 -9.73 0.40
C VAL B 87 24.51 -10.47 0.83
N ASP B 88 25.54 -9.71 1.21
CA ASP B 88 26.84 -10.24 1.64
C ASP B 88 27.48 -10.88 0.42
N GLY B 89 27.30 -10.27 -0.74
CA GLY B 89 27.85 -10.86 -1.94
C GLY B 89 27.02 -12.00 -2.55
N VAL B 90 26.10 -12.58 -1.80
CA VAL B 90 25.26 -13.63 -2.32
C VAL B 90 24.07 -13.04 -3.08
N ASN B 91 23.83 -13.54 -4.27
CA ASN B 91 22.74 -13.07 -5.08
C ASN B 91 21.50 -13.73 -4.56
N VAL B 92 20.53 -12.89 -4.19
CA VAL B 92 19.25 -13.33 -3.64
C VAL B 92 18.15 -13.12 -4.68
N ALA B 93 17.24 -14.08 -4.74
CA ALA B 93 16.15 -14.04 -5.69
C ALA B 93 14.88 -13.34 -5.20
N ALA B 94 14.11 -12.77 -6.13
CA ALA B 94 12.84 -12.11 -5.82
C ALA B 94 11.91 -13.19 -5.32
N GLY B 95 11.17 -12.94 -4.25
CA GLY B 95 10.27 -13.98 -3.75
C GLY B 95 10.78 -14.93 -2.67
N ASP B 96 12.10 -14.93 -2.46
CA ASP B 96 12.70 -15.79 -1.43
C ASP B 96 12.91 -14.95 -0.21
N VAL B 97 12.57 -15.51 0.95
CA VAL B 97 12.74 -14.85 2.24
C VAL B 97 14.23 -14.88 2.60
N VAL B 98 14.83 -13.72 2.86
CA VAL B 98 16.25 -13.63 3.19
C VAL B 98 16.43 -13.12 4.63
N ALA B 99 17.32 -13.77 5.41
CA ALA B 99 17.65 -13.38 6.81
C ALA B 99 18.84 -12.43 6.78
N TRP B 100 18.64 -11.19 7.16
CA TRP B 100 19.71 -10.20 7.11
C TRP B 100 20.22 -9.85 8.51
N ASN B 101 21.54 -9.79 8.66
CA ASN B 101 22.04 -9.52 9.97
C ASN B 101 22.12 -8.08 10.34
N THR B 102 21.71 -7.16 9.47
CA THR B 102 21.74 -5.73 9.81
C THR B 102 23.05 -5.06 9.49
N ILE B 103 24.07 -5.89 9.33
CA ILE B 103 25.43 -5.41 9.12
C ILE B 103 25.92 -5.53 7.72
N ALA B 104 25.79 -6.73 7.19
CA ALA B 104 26.27 -7.06 5.86
C ALA B 104 25.74 -6.14 4.76
N PRO B 105 26.54 -5.96 3.68
CA PRO B 105 26.17 -5.11 2.55
C PRO B 105 25.01 -5.67 1.70
N VAL B 106 24.02 -4.81 1.41
CA VAL B 106 22.89 -5.17 0.56
C VAL B 106 23.05 -4.29 -0.67
N ASN B 107 23.38 -4.89 -1.82
CA ASN B 107 23.57 -4.11 -3.06
C ASN B 107 22.40 -4.39 -3.97
N VAL B 108 22.09 -3.37 -4.73
CA VAL B 108 20.92 -3.43 -5.54
C VAL B 108 21.39 -3.02 -6.95
N GLY B 109 20.92 -3.72 -7.97
CA GLY B 109 21.34 -3.37 -9.30
C GLY B 109 20.26 -3.40 -10.35
N ASN B 110 20.35 -2.46 -11.27
CA ASN B 110 19.40 -2.37 -12.39
C ASN B 110 20.22 -2.21 -13.68
N PRO B 111 20.84 -3.31 -14.16
CA PRO B 111 21.65 -3.24 -15.37
C PRO B 111 20.85 -2.95 -16.64
N GLY B 112 19.56 -3.33 -16.60
CA GLY B 112 18.63 -3.14 -17.72
C GLY B 112 18.61 -1.76 -18.35
N ALA B 113 17.87 -1.61 -19.45
CA ALA B 113 17.82 -0.32 -20.17
C ALA B 113 16.68 0.67 -19.88
N ARG B 114 15.85 0.41 -18.87
CA ARG B 114 14.81 1.33 -18.56
C ARG B 114 14.77 1.46 -17.04
N ARG B 115 14.02 2.44 -16.52
CA ARG B 115 13.93 2.64 -15.09
C ARG B 115 13.23 1.49 -14.39
N SER B 116 13.52 1.32 -13.11
CA SER B 116 12.88 0.25 -12.33
C SER B 116 12.63 0.69 -10.89
N ILE B 117 11.66 0.09 -10.21
CA ILE B 117 11.44 0.41 -8.80
C ILE B 117 11.46 -0.95 -8.10
N LEU B 118 12.24 -1.09 -7.01
CA LEU B 118 12.28 -2.33 -6.24
C LEU B 118 11.64 -2.08 -4.91
N GLN B 119 10.86 -3.06 -4.45
CA GLN B 119 10.17 -3.00 -3.18
C GLN B 119 10.80 -4.00 -2.21
N PHE B 120 10.97 -3.61 -0.94
CA PHE B 120 11.52 -4.50 0.11
C PHE B 120 10.45 -4.55 1.16
N GLU B 121 10.00 -5.72 1.54
CA GLU B 121 8.97 -5.76 2.54
C GLU B 121 9.52 -6.53 3.71
N VAL B 122 9.58 -5.92 4.88
CA VAL B 122 10.08 -6.61 6.04
C VAL B 122 9.00 -7.50 6.61
N LEU B 123 9.35 -8.75 6.85
CA LEU B 123 8.37 -9.72 7.30
C LEU B 123 8.11 -9.93 8.78
N TRP B 124 9.03 -10.49 9.51
CA TRP B 124 8.79 -10.65 10.94
C TRP B 124 10.08 -10.01 11.40
N TYR B 125 10.12 -9.55 12.65
CA TYR B 125 11.37 -8.96 13.09
C TYR B 125 11.63 -8.88 14.60
N THR B 126 12.68 -9.63 14.96
CA THR B 126 13.23 -9.81 16.31
C THR B 126 13.69 -11.25 16.55
N THR C 1 4.54 -14.07 8.51
CA THR C 1 4.52 -14.20 7.05
C THR C 1 3.19 -13.68 6.47
N GLY C 2 2.87 -14.16 5.28
CA GLY C 2 1.68 -13.79 4.54
C GLY C 2 1.75 -14.67 3.28
N PRO C 3 0.62 -14.99 2.66
CA PRO C 3 0.64 -15.86 1.48
C PRO C 3 1.25 -15.46 0.14
N TYR C 4 1.36 -14.16 -0.11
CA TYR C 4 1.86 -13.71 -1.38
C TYR C 4 3.31 -13.28 -1.35
N ALA C 5 3.97 -13.61 -0.26
CA ALA C 5 5.40 -13.35 -0.17
C ALA C 5 5.83 -14.52 -1.03
N GLY C 6 6.71 -14.35 -1.99
CA GLY C 6 6.99 -15.53 -2.77
C GLY C 6 6.59 -15.19 -4.16
N ALA C 7 5.70 -14.22 -4.29
CA ALA C 7 5.28 -13.75 -5.58
C ALA C 7 6.57 -13.12 -6.01
N VAL C 8 6.93 -13.25 -7.28
CA VAL C 8 8.18 -12.70 -7.80
C VAL C 8 8.18 -11.27 -8.35
N GLU C 9 7.00 -10.64 -8.34
CA GLU C 9 6.86 -9.27 -8.78
C GLU C 9 5.54 -8.76 -8.23
N VAL C 10 5.48 -7.46 -8.05
CA VAL C 10 4.29 -6.84 -7.54
C VAL C 10 4.05 -5.68 -8.48
N GLN C 11 2.96 -4.96 -8.26
CA GLN C 11 2.68 -3.79 -9.07
C GLN C 11 2.09 -2.68 -8.22
N GLN C 12 2.10 -1.46 -8.77
CA GLN C 12 1.53 -0.30 -8.08
C GLN C 12 0.05 -0.50 -7.83
N SER C 13 -0.37 -0.32 -6.59
CA SER C 13 -1.78 -0.44 -6.27
C SER C 13 -2.62 0.60 -6.99
N GLY C 14 -3.81 0.21 -7.41
CA GLY C 14 -4.72 1.14 -8.06
C GLY C 14 -4.42 1.67 -9.45
N ARG C 15 -3.53 1.02 -10.18
CA ARG C 15 -3.20 1.47 -11.54
C ARG C 15 -3.71 0.41 -12.46
N TYR C 16 -4.80 0.72 -13.13
CA TYR C 16 -5.42 -0.18 -14.05
C TYR C 16 -4.45 -0.78 -15.02
N TYR C 17 -4.44 -2.11 -15.18
CA TYR C 17 -3.54 -2.81 -16.13
C TYR C 17 -4.20 -4.11 -16.58
N VAL C 18 -4.67 -4.17 -17.83
CA VAL C 18 -5.32 -5.38 -18.37
C VAL C 18 -4.97 -5.27 -19.83
N PRO C 19 -3.77 -5.70 -20.20
CA PRO C 19 -3.30 -5.64 -21.59
C PRO C 19 -4.01 -6.56 -22.61
N GLN C 20 -4.48 -7.73 -22.18
CA GLN C 20 -5.16 -8.67 -23.05
C GLN C 20 -6.26 -9.30 -22.23
N GLY C 21 -7.52 -9.18 -22.64
CA GLY C 21 -8.58 -9.82 -21.86
C GLY C 21 -9.54 -8.91 -21.14
N ARG C 22 -10.42 -9.51 -20.31
CA ARG C 22 -11.44 -8.81 -19.52
C ARG C 22 -11.09 -8.55 -18.05
N THR C 23 -10.22 -9.37 -17.47
CA THR C 23 -9.78 -9.18 -16.08
C THR C 23 -8.32 -9.61 -16.00
N ARG C 24 -7.56 -9.06 -15.03
CA ARG C 24 -6.18 -9.45 -14.76
C ARG C 24 -5.91 -9.24 -13.27
N GLY C 25 -5.14 -10.12 -12.65
CA GLY C 25 -4.77 -10.04 -11.25
C GLY C 25 -3.25 -9.88 -11.07
N GLY C 26 -2.86 -9.31 -9.94
CA GLY C 26 -1.46 -9.08 -9.61
C GLY C 26 -1.35 -8.91 -8.11
N TYR C 27 -0.15 -8.97 -7.57
CA TYR C 27 -0.03 -8.81 -6.14
C TYR C 27 0.47 -7.47 -5.80
N ILE C 28 0.03 -6.98 -4.64
CA ILE C 28 0.44 -5.66 -4.17
C ILE C 28 1.57 -5.80 -3.12
N ASN C 29 1.42 -6.72 -2.18
CA ASN C 29 2.39 -7.04 -1.16
C ASN C 29 2.01 -8.41 -0.67
N SER C 30 2.57 -8.81 0.46
CA SER C 30 2.31 -10.14 0.99
C SER C 30 0.90 -10.56 1.33
N ASN C 31 -0.02 -9.62 1.53
CA ASN C 31 -1.38 -9.98 1.91
C ASN C 31 -2.41 -9.42 1.03
N ILE C 32 -2.00 -8.71 0.01
CA ILE C 32 -3.01 -8.10 -0.78
C ILE C 32 -2.85 -8.35 -2.26
N ALA C 33 -3.98 -8.67 -2.89
CA ALA C 33 -4.03 -8.93 -4.31
C ALA C 33 -5.10 -7.97 -4.86
N GLU C 34 -4.90 -7.47 -6.08
CA GLU C 34 -5.88 -6.58 -6.73
C GLU C 34 -6.29 -7.15 -8.11
N VAL C 35 -7.58 -7.13 -8.44
CA VAL C 35 -8.02 -7.63 -9.73
C VAL C 35 -8.77 -6.53 -10.50
N CYS C 36 -8.19 -6.17 -11.63
CA CYS C 36 -8.72 -5.14 -12.51
C CYS C 36 -9.79 -5.76 -13.40
N MET C 37 -10.91 -5.08 -13.58
CA MET C 37 -11.97 -5.66 -14.39
C MET C 37 -12.48 -4.66 -15.40
N ASP C 38 -12.66 -5.07 -16.64
CA ASP C 38 -13.22 -4.18 -17.67
C ASP C 38 -14.73 -4.10 -17.39
N ALA C 39 -15.42 -3.18 -18.03
CA ALA C 39 -16.87 -3.03 -17.79
C ALA C 39 -17.64 -4.27 -18.16
N GLY C 40 -18.57 -4.70 -17.32
CA GLY C 40 -19.34 -5.90 -17.60
C GLY C 40 -18.58 -7.22 -17.66
N ALA C 41 -17.51 -7.36 -16.89
CA ALA C 41 -16.72 -8.60 -16.87
C ALA C 41 -16.95 -9.46 -15.63
N ALA C 42 -16.56 -10.72 -15.76
CA ALA C 42 -16.67 -11.71 -14.71
C ALA C 42 -15.50 -12.63 -14.91
N GLY C 43 -15.19 -13.38 -13.89
CA GLY C 43 -14.11 -14.33 -13.97
C GLY C 43 -14.00 -15.07 -12.65
N GLN C 44 -13.20 -16.13 -12.64
CA GLN C 44 -12.96 -16.90 -11.44
C GLN C 44 -11.56 -16.53 -11.00
N VAL C 45 -11.41 -16.35 -9.69
CA VAL C 45 -10.17 -15.85 -9.13
C VAL C 45 -9.25 -16.76 -8.23
N ASN C 46 -9.60 -18.04 -8.14
CA ASN C 46 -8.86 -19.04 -7.34
C ASN C 46 -7.35 -19.08 -7.53
N ALA C 47 -6.90 -18.99 -8.76
CA ALA C 47 -5.48 -19.07 -9.03
C ALA C 47 -4.66 -17.94 -8.42
N LEU C 48 -5.30 -16.79 -8.21
CA LEU C 48 -4.62 -15.61 -7.67
C LEU C 48 -4.63 -15.63 -6.14
N LEU C 49 -5.77 -15.97 -5.53
CA LEU C 49 -5.91 -16.00 -4.08
C LEU C 49 -5.35 -17.22 -3.36
N ALA C 50 -4.96 -18.24 -4.11
CA ALA C 50 -4.45 -19.45 -3.51
C ALA C 50 -2.98 -19.47 -3.13
N PRO C 51 -2.71 -19.61 -1.83
CA PRO C 51 -1.34 -19.68 -1.33
C PRO C 51 -0.88 -20.97 -1.99
N ARG C 52 0.40 -21.13 -2.27
CA ARG C 52 0.78 -22.35 -2.94
C ARG C 52 0.45 -23.65 -2.23
N ARG C 53 -0.18 -24.54 -3.01
CA ARG C 53 -0.65 -25.84 -2.55
C ARG C 53 0.18 -26.53 -1.47
N GLY C 54 -0.44 -26.75 -0.32
CA GLY C 54 0.23 -27.41 0.78
C GLY C 54 0.67 -26.49 1.91
N ASP C 55 0.94 -25.23 1.59
CA ASP C 55 1.39 -24.25 2.59
C ASP C 55 0.23 -23.92 3.52
N ALA C 56 -0.79 -23.30 2.93
CA ALA C 56 -1.95 -22.90 3.69
C ALA C 56 -3.07 -23.83 3.30
N VAL C 57 -4.17 -23.74 4.03
CA VAL C 57 -5.32 -24.56 3.78
C VAL C 57 -6.60 -23.99 4.41
N MET C 58 -6.60 -22.68 4.62
CA MET C 58 -7.75 -21.93 5.19
C MET C 58 -7.34 -20.45 5.20
N ILE C 59 -7.98 -19.64 4.38
CA ILE C 59 -7.67 -18.22 4.24
C ILE C 59 -8.85 -17.41 4.61
N TYR C 60 -8.64 -16.35 5.39
CA TYR C 60 -9.72 -15.44 5.76
C TYR C 60 -9.38 -14.19 5.03
N PHE C 61 -10.33 -13.62 4.31
CA PHE C 61 -10.06 -12.40 3.55
C PHE C 61 -11.25 -11.44 3.50
N VAL C 62 -11.01 -10.23 3.02
CA VAL C 62 -12.09 -9.27 2.85
C VAL C 62 -11.74 -8.74 1.49
N TRP C 63 -12.77 -8.29 0.80
CA TRP C 63 -12.56 -7.69 -0.51
C TRP C 63 -13.31 -6.36 -0.53
N ARG C 64 -12.86 -5.43 -1.37
CA ARG C 64 -13.52 -4.14 -1.51
C ARG C 64 -13.10 -3.46 -2.81
N PRO C 65 -14.04 -2.75 -3.44
CA PRO C 65 -13.70 -2.06 -4.70
C PRO C 65 -12.96 -0.81 -4.37
N LEU C 66 -12.22 -0.25 -5.31
CA LEU C 66 -11.51 0.97 -5.00
C LEU C 66 -12.38 2.11 -5.45
N ARG C 67 -12.75 3.00 -4.53
CA ARG C 67 -13.56 4.18 -4.85
C ARG C 67 -12.87 5.04 -5.93
N ILE C 68 -11.57 5.28 -5.81
CA ILE C 68 -10.85 6.01 -6.86
C ILE C 68 -9.53 5.27 -7.17
N PHE C 69 -9.20 5.16 -8.44
CA PHE C 69 -7.98 4.52 -8.89
C PHE C 69 -7.59 5.32 -10.14
N CYS C 70 -6.66 4.84 -10.96
CA CYS C 70 -6.26 5.55 -12.17
C CYS C 70 -6.20 4.68 -13.43
N ASP C 71 -6.25 5.31 -14.59
CA ASP C 71 -6.13 4.58 -15.82
C ASP C 71 -4.64 4.59 -16.15
N PRO C 72 -4.25 3.94 -17.24
CA PRO C 72 -2.83 3.90 -17.60
C PRO C 72 -2.13 5.20 -17.84
N GLN C 73 -2.85 6.28 -18.10
CA GLN C 73 -2.18 7.57 -18.32
C GLN C 73 -2.27 8.44 -17.08
N GLY C 74 -2.73 7.83 -16.00
CA GLY C 74 -2.77 8.54 -14.76
C GLY C 74 -3.95 9.36 -14.35
N ALA C 75 -5.05 9.31 -15.10
CA ALA C 75 -6.27 10.05 -14.76
C ALA C 75 -7.13 9.30 -13.77
N SER C 76 -7.80 10.03 -12.87
CA SER C 76 -8.66 9.43 -11.85
C SER C 76 -9.87 8.73 -12.45
N LEU C 77 -10.26 7.63 -11.83
CA LEU C 77 -11.38 6.80 -12.28
C LEU C 77 -12.08 6.30 -11.02
N GLU C 78 -13.37 6.01 -11.12
CA GLU C 78 -14.12 5.49 -9.99
C GLU C 78 -14.64 4.12 -10.39
N SER C 79 -14.69 3.18 -9.46
CA SER C 79 -15.19 1.82 -9.71
C SER C 79 -16.69 1.88 -9.92
N ALA C 80 -17.17 1.09 -10.87
CA ALA C 80 -18.57 1.01 -11.16
C ALA C 80 -19.31 0.38 -10.00
N PRO C 81 -20.60 0.69 -9.89
CA PRO C 81 -21.33 0.07 -8.78
C PRO C 81 -21.80 -1.32 -9.14
N GLY C 82 -22.22 -2.05 -8.13
CA GLY C 82 -22.70 -3.36 -8.42
C GLY C 82 -21.71 -4.50 -8.45
N THR C 83 -20.48 -4.24 -8.04
CA THR C 83 -19.46 -5.28 -7.99
C THR C 83 -19.93 -6.37 -6.99
N PHE C 84 -19.64 -7.63 -7.28
CA PHE C 84 -20.03 -8.68 -6.35
C PHE C 84 -19.01 -9.78 -6.41
N VAL C 85 -18.94 -10.57 -5.35
CA VAL C 85 -18.02 -11.68 -5.33
C VAL C 85 -18.79 -12.79 -4.72
N THR C 86 -18.64 -14.01 -5.24
CA THR C 86 -19.31 -15.18 -4.67
C THR C 86 -18.21 -16.14 -4.36
N VAL C 87 -18.33 -16.77 -3.18
CA VAL C 87 -17.38 -17.77 -2.67
C VAL C 87 -18.20 -19.02 -2.49
N ASP C 88 -17.96 -19.99 -3.36
CA ASP C 88 -18.69 -21.24 -3.33
C ASP C 88 -20.20 -20.93 -3.46
N GLY C 89 -20.55 -20.14 -4.48
CA GLY C 89 -21.95 -19.80 -4.71
C GLY C 89 -22.66 -18.86 -3.75
N VAL C 90 -22.04 -18.52 -2.63
CA VAL C 90 -22.66 -17.60 -1.72
C VAL C 90 -22.19 -16.18 -2.04
N ASN C 91 -23.05 -15.20 -1.83
CA ASN C 91 -22.69 -13.82 -2.09
C ASN C 91 -21.99 -13.31 -0.84
N VAL C 92 -20.81 -12.72 -1.02
CA VAL C 92 -20.04 -12.17 0.10
C VAL C 92 -19.98 -10.65 -0.12
N ALA C 93 -20.44 -9.89 0.87
CA ALA C 93 -20.44 -8.45 0.78
C ALA C 93 -19.07 -7.86 1.01
N ALA C 94 -18.90 -6.66 0.50
CA ALA C 94 -17.65 -5.98 0.68
C ALA C 94 -17.55 -5.66 2.15
N GLY C 95 -16.38 -5.88 2.73
CA GLY C 95 -16.22 -5.57 4.13
C GLY C 95 -16.49 -6.76 5.01
N ASP C 96 -17.08 -7.83 4.50
CA ASP C 96 -17.34 -9.00 5.35
C ASP C 96 -16.18 -9.93 5.30
N VAL C 97 -15.83 -10.50 6.43
CA VAL C 97 -14.71 -11.42 6.44
C VAL C 97 -15.22 -12.76 5.92
N VAL C 98 -14.54 -13.37 4.98
CA VAL C 98 -15.01 -14.64 4.51
C VAL C 98 -13.95 -15.71 4.74
N ALA C 99 -14.38 -16.88 5.21
CA ALA C 99 -13.46 -17.99 5.45
C ALA C 99 -13.46 -18.82 4.18
N TRP C 100 -12.28 -19.10 3.65
CA TRP C 100 -12.19 -19.85 2.42
C TRP C 100 -11.24 -21.00 2.61
N ASN C 101 -11.51 -22.08 1.90
CA ASN C 101 -10.71 -23.29 1.99
C ASN C 101 -9.66 -23.48 0.89
N THR C 102 -9.60 -22.59 -0.10
CA THR C 102 -8.62 -22.68 -1.18
C THR C 102 -9.06 -23.52 -2.40
N ILE C 103 -10.19 -24.20 -2.24
CA ILE C 103 -10.70 -25.07 -3.29
C ILE C 103 -11.95 -24.53 -3.99
N ALA C 104 -12.96 -24.19 -3.17
CA ALA C 104 -14.25 -23.67 -3.63
C ALA C 104 -14.09 -22.51 -4.59
N PRO C 105 -14.93 -22.47 -5.62
CA PRO C 105 -14.87 -21.40 -6.61
C PRO C 105 -15.14 -19.97 -6.09
N VAL C 106 -14.25 -19.04 -6.46
CA VAL C 106 -14.38 -17.60 -6.11
C VAL C 106 -14.64 -16.86 -7.41
N ASN C 107 -15.89 -16.45 -7.58
CA ASN C 107 -16.33 -15.73 -8.77
C ASN C 107 -16.31 -14.25 -8.45
N VAL C 108 -16.01 -13.48 -9.47
CA VAL C 108 -15.88 -12.06 -9.28
C VAL C 108 -16.65 -11.42 -10.42
N GLY C 109 -17.42 -10.39 -10.14
CA GLY C 109 -18.16 -9.79 -11.24
C GLY C 109 -18.30 -8.29 -11.22
N ASN C 110 -18.26 -7.69 -12.41
CA ASN C 110 -18.39 -6.25 -12.59
C ASN C 110 -19.51 -6.01 -13.59
N PRO C 111 -20.74 -6.17 -13.15
CA PRO C 111 -21.84 -5.96 -14.08
C PRO C 111 -21.92 -4.54 -14.58
N GLY C 112 -21.47 -3.61 -13.76
CA GLY C 112 -21.52 -2.23 -14.16
C GLY C 112 -21.06 -1.79 -15.54
N ALA C 113 -21.20 -0.49 -15.74
CA ALA C 113 -20.87 0.17 -16.99
C ALA C 113 -19.44 0.65 -17.17
N ARG C 114 -18.58 0.55 -16.16
CA ARG C 114 -17.19 0.98 -16.35
C ARG C 114 -16.20 0.09 -15.63
N ARG C 115 -14.92 0.40 -15.78
CA ARG C 115 -13.84 -0.34 -15.17
C ARG C 115 -13.88 -0.23 -13.68
N SER C 116 -13.31 -1.25 -13.03
CA SER C 116 -13.24 -1.32 -11.59
C SER C 116 -12.01 -2.07 -11.19
N ILE C 117 -11.62 -1.93 -9.92
CA ILE C 117 -10.52 -2.67 -9.37
C ILE C 117 -11.01 -3.10 -7.99
N LEU C 118 -10.88 -4.39 -7.71
CA LEU C 118 -11.31 -4.98 -6.47
C LEU C 118 -10.07 -5.30 -5.70
N GLN C 119 -10.16 -5.21 -4.39
CA GLN C 119 -9.03 -5.53 -3.56
C GLN C 119 -9.41 -6.69 -2.64
N PHE C 120 -8.49 -7.64 -2.49
CA PHE C 120 -8.66 -8.80 -1.61
C PHE C 120 -7.54 -8.67 -0.61
N GLU C 121 -7.85 -8.65 0.67
CA GLU C 121 -6.82 -8.50 1.65
C GLU C 121 -6.95 -9.68 2.51
N VAL C 122 -5.85 -10.36 2.70
CA VAL C 122 -5.82 -11.55 3.51
C VAL C 122 -5.49 -11.19 4.95
N LEU C 123 -6.35 -11.63 5.85
CA LEU C 123 -6.21 -11.33 7.28
C LEU C 123 -5.52 -12.35 8.23
N TRP C 124 -5.59 -13.66 7.94
CA TRP C 124 -4.94 -14.72 8.77
C TRP C 124 -5.02 -16.04 7.94
N TYR C 125 -4.30 -17.12 8.33
CA TYR C 125 -4.41 -18.39 7.58
C TYR C 125 -3.88 -19.75 8.15
N THR C 126 -4.48 -20.26 9.22
CA THR C 126 -3.98 -21.51 9.77
C THR C 126 -5.01 -22.62 9.93
#